data_3KCN
#
_entry.id   3KCN
#
_cell.length_a   84.930
_cell.length_b   103.096
_cell.length_c   33.867
_cell.angle_alpha   90.00
_cell.angle_beta   90.00
_cell.angle_gamma   90.00
#
_symmetry.space_group_name_H-M   'P 21 21 2'
#
loop_
_entity.id
_entity.type
_entity.pdbx_description
1 polymer 'Adenylate cyclase homolog'
2 water water
#
_entity_poly.entity_id   1
_entity_poly.type   'polypeptide(L)'
_entity_poly.pdbx_seq_one_letter_code
;(MSE)SLNERILLVDDDYSLLNTLKRNLSFDFEVTTCESGPEALACIKKSDPFSVI(MSE)VD(MSE)R(MSE)PG
(MSE)EGTEVIQKARLISPNSVYL(MSE)LTGNQDLTTA(MSE)EAVNEGQVFRFLNKPCQ(MSE)SDIKAAINAGIKQY
DLVTSKEELLKKTFAGAISEGHHHHHH
;
_entity_poly.pdbx_strand_id   A,B
#
# COMPACT_ATOMS: atom_id res chain seq x y z
N LEU A 3 -18.32 7.23 7.16
CA LEU A 3 -17.44 6.08 7.04
C LEU A 3 -18.08 4.93 6.27
N ASN A 4 -17.51 4.60 5.11
CA ASN A 4 -18.00 3.46 4.33
C ASN A 4 -17.46 2.16 4.91
N GLU A 5 -18.34 1.34 5.47
CA GLU A 5 -17.90 0.05 5.99
C GLU A 5 -18.50 -1.13 5.20
N ARG A 6 -18.85 -0.87 3.94
CA ARG A 6 -19.40 -1.90 3.08
C ARG A 6 -18.24 -2.65 2.45
N ILE A 7 -18.19 -3.96 2.65
CA ILE A 7 -17.08 -4.73 2.09
C ILE A 7 -17.58 -5.97 1.31
N LEU A 8 -16.83 -6.35 0.30
CA LEU A 8 -17.22 -7.43 -0.57
C LEU A 8 -16.12 -8.51 -0.49
N LEU A 9 -16.57 -9.74 -0.26
CA LEU A 9 -15.69 -10.90 -0.16
C LEU A 9 -15.96 -11.80 -1.35
N VAL A 10 -14.89 -12.18 -2.04
CA VAL A 10 -15.03 -12.97 -3.23
C VAL A 10 -14.17 -14.21 -3.09
N ASP A 11 -14.81 -15.36 -3.12
CA ASP A 11 -14.10 -16.61 -2.96
C ASP A 11 -15.05 -17.72 -3.42
N ASP A 12 -14.43 -18.73 -4.01
CA ASP A 12 -15.08 -19.91 -4.55
C ASP A 12 -15.74 -20.81 -3.47
N ASP A 13 -15.20 -20.75 -2.26
CA ASP A 13 -15.49 -21.68 -1.16
C ASP A 13 -16.52 -21.10 -0.20
N TYR A 14 -17.73 -21.66 -0.18
CA TYR A 14 -18.81 -21.18 0.70
C TYR A 14 -18.51 -21.33 2.19
N SER A 15 -17.85 -22.41 2.58
CA SER A 15 -17.43 -22.61 3.99
C SER A 15 -16.63 -21.45 4.59
N LEU A 16 -15.60 -21.04 3.84
CA LEU A 16 -14.73 -19.94 4.21
C LEU A 16 -15.53 -18.61 4.17
N LEU A 17 -16.33 -18.40 3.14
CA LEU A 17 -17.21 -17.24 3.08
C LEU A 17 -18.13 -17.08 4.29
N ASN A 18 -18.78 -18.18 4.71
CA ASN A 18 -19.63 -18.15 5.89
C ASN A 18 -18.82 -17.90 7.15
N THR A 19 -17.63 -18.49 7.23
CA THR A 19 -16.79 -18.29 8.40
C THR A 19 -16.32 -16.85 8.54
N LEU A 20 -15.88 -16.25 7.45
CA LEU A 20 -15.45 -14.84 7.46
C LEU A 20 -16.60 -13.88 7.68
N LYS A 21 -17.73 -14.17 7.04
CA LYS A 21 -18.89 -13.26 7.16
C LYS A 21 -19.49 -13.27 8.58
N ARG A 22 -19.46 -14.41 9.25
CA ARG A 22 -19.94 -14.48 10.61
C ARG A 22 -19.09 -13.63 11.52
N ASN A 23 -17.79 -13.76 11.35
CA ASN A 23 -16.87 -13.01 12.15
C ASN A 23 -16.90 -11.51 11.77
N LEU A 24 -16.93 -11.22 10.47
CA LEU A 24 -16.79 -9.85 10.00
C LEU A 24 -18.03 -9.00 10.15
N SER A 25 -19.19 -9.64 10.30
CA SER A 25 -20.47 -8.95 10.31
C SER A 25 -20.75 -8.26 11.63
N PHE A 26 -20.01 -8.64 12.66
CA PHE A 26 -20.03 -7.86 13.88
C PHE A 26 -19.50 -6.40 13.66
N ASP A 27 -18.44 -6.22 12.86
CA ASP A 27 -17.89 -4.87 12.66
C ASP A 27 -18.18 -4.19 11.31
N PHE A 28 -18.59 -4.95 10.29
CA PHE A 28 -18.75 -4.37 8.94
C PHE A 28 -20.04 -4.87 8.26
N GLU A 29 -20.43 -4.21 7.17
CA GLU A 29 -21.49 -4.76 6.33
C GLU A 29 -20.94 -5.65 5.23
N VAL A 30 -21.12 -6.94 5.36
CA VAL A 30 -20.44 -7.89 4.50
C VAL A 30 -21.32 -8.53 3.45
N THR A 31 -20.90 -8.44 2.18
CA THR A 31 -21.56 -9.11 1.08
C THR A 31 -20.59 -10.18 0.60
N THR A 32 -21.12 -11.31 0.12
CA THR A 32 -20.31 -12.41 -0.40
C THR A 32 -20.67 -12.75 -1.84
N CYS A 33 -19.68 -13.24 -2.60
CA CYS A 33 -19.85 -13.62 -4.01
C CYS A 33 -18.97 -14.81 -4.29
N GLU A 34 -19.44 -15.75 -5.10
CA GLU A 34 -18.69 -17.01 -5.27
C GLU A 34 -17.65 -17.02 -6.44
N SER A 35 -17.59 -15.94 -7.20
CA SER A 35 -16.75 -15.91 -8.39
C SER A 35 -16.56 -14.50 -8.90
N GLY A 36 -15.73 -14.37 -9.94
CA GLY A 36 -15.41 -13.08 -10.55
C GLY A 36 -16.56 -12.44 -11.29
N PRO A 37 -17.11 -13.14 -12.28
CA PRO A 37 -18.37 -12.72 -12.91
C PRO A 37 -19.49 -12.33 -11.92
N GLU A 38 -19.64 -13.07 -10.82
CA GLU A 38 -20.67 -12.75 -9.83
C GLU A 38 -20.28 -11.45 -9.12
N ALA A 39 -19.04 -11.38 -8.65
CA ALA A 39 -18.48 -10.14 -8.11
C ALA A 39 -18.64 -8.95 -9.08
N LEU A 40 -18.25 -9.10 -10.34
CA LEU A 40 -18.44 -8.04 -11.33
C LEU A 40 -19.90 -7.57 -11.48
N ALA A 41 -20.85 -8.51 -11.45
CA ALA A 41 -22.27 -8.16 -11.52
C ALA A 41 -22.70 -7.36 -10.29
N CYS A 42 -22.14 -7.72 -9.14
CA CYS A 42 -22.57 -7.14 -7.87
C CYS A 42 -22.08 -5.73 -7.65
N ILE A 43 -20.85 -5.47 -8.08
CA ILE A 43 -20.24 -4.14 -7.96
C ILE A 43 -20.96 -3.16 -8.88
N LYS A 44 -21.26 -3.64 -10.09
CA LYS A 44 -21.88 -2.81 -11.11
C LYS A 44 -23.23 -2.24 -10.60
N LYS A 45 -24.01 -3.04 -9.90
CA LYS A 45 -25.33 -2.62 -9.44
C LYS A 45 -25.43 -2.10 -7.98
N SER A 46 -24.39 -2.27 -7.15
CA SER A 46 -24.50 -1.87 -5.76
C SER A 46 -23.87 -0.52 -5.56
N ASP A 47 -24.08 0.03 -4.36
CA ASP A 47 -23.32 1.17 -3.89
C ASP A 47 -21.85 0.77 -3.75
N PRO A 48 -20.92 1.74 -3.79
CA PRO A 48 -19.49 1.48 -3.71
C PRO A 48 -19.12 0.70 -2.45
N PHE A 49 -18.27 -0.31 -2.62
CA PHE A 49 -17.65 -1.00 -1.51
C PHE A 49 -16.36 -0.25 -1.22
N SER A 50 -16.02 -0.14 0.05
CA SER A 50 -14.81 0.56 0.39
C SER A 50 -13.70 -0.44 0.21
N VAL A 51 -14.00 -1.68 0.60
CA VAL A 51 -13.05 -2.77 0.53
C VAL A 51 -13.57 -4.00 -0.21
N ILE A 52 -12.75 -4.50 -1.13
CA ILE A 52 -13.08 -5.71 -1.89
C ILE A 52 -11.93 -6.70 -1.76
N VAL A 54 -10.43 -10.57 -2.71
CA VAL A 54 -10.59 -11.63 -3.66
C VAL A 54 -9.58 -12.71 -3.35
N ASP A 55 -9.97 -13.95 -3.62
CA ASP A 55 -9.06 -15.05 -3.50
C ASP A 55 -8.34 -15.20 -4.85
N ARG A 57 -6.86 -17.87 -6.25
CA ARG A 57 -7.20 -19.10 -6.97
C ARG A 57 -8.72 -19.34 -6.97
N PRO A 59 -11.70 -21.12 -9.96
CA PRO A 59 -11.86 -21.68 -11.31
C PRO A 59 -12.30 -20.60 -12.31
N GLY A 60 -11.87 -20.71 -13.55
CA GLY A 60 -12.24 -19.71 -14.53
C GLY A 60 -11.42 -18.44 -14.33
N GLU A 62 -9.26 -15.86 -12.52
CA GLU A 62 -8.38 -15.70 -11.38
C GLU A 62 -8.55 -14.33 -10.74
N GLY A 63 -8.23 -14.23 -9.45
CA GLY A 63 -8.45 -13.03 -8.67
C GLY A 63 -7.82 -11.73 -9.20
N THR A 64 -6.64 -11.85 -9.79
CA THR A 64 -5.98 -10.70 -10.37
C THR A 64 -6.79 -10.08 -11.54
N GLU A 65 -7.36 -10.92 -12.41
CA GLU A 65 -8.19 -10.43 -13.48
C GLU A 65 -9.44 -9.74 -12.92
N VAL A 66 -9.96 -10.25 -11.81
CA VAL A 66 -11.20 -9.71 -11.19
C VAL A 66 -10.97 -8.26 -10.69
N ILE A 67 -9.83 -8.07 -10.04
CA ILE A 67 -9.42 -6.76 -9.55
C ILE A 67 -9.18 -5.78 -10.69
N GLN A 68 -8.50 -6.22 -11.74
CA GLN A 68 -8.27 -5.39 -12.92
C GLN A 68 -9.57 -4.98 -13.60
N LYS A 69 -10.50 -5.92 -13.73
CA LYS A 69 -11.82 -5.54 -14.24
C LYS A 69 -12.66 -4.65 -13.31
N ALA A 70 -12.62 -4.93 -12.00
CA ALA A 70 -13.36 -4.13 -11.02
C ALA A 70 -12.83 -2.70 -10.85
N ARG A 71 -11.53 -2.50 -10.97
CA ARG A 71 -11.00 -1.16 -10.94
C ARG A 71 -11.51 -0.29 -12.07
N LEU A 72 -11.90 -0.88 -13.19
CA LEU A 72 -12.52 -0.06 -14.25
C LEU A 72 -13.93 0.35 -13.91
N ILE A 73 -14.61 -0.42 -13.07
CA ILE A 73 -16.00 -0.19 -12.66
C ILE A 73 -16.08 0.52 -11.30
N SER A 74 -15.10 0.30 -10.42
CA SER A 74 -15.13 0.91 -9.07
C SER A 74 -13.73 1.33 -8.66
N PRO A 75 -13.26 2.47 -9.18
CA PRO A 75 -11.85 2.95 -9.09
C PRO A 75 -11.36 3.28 -7.68
N ASN A 76 -12.20 3.92 -6.88
CA ASN A 76 -11.85 4.26 -5.50
C ASN A 76 -11.68 3.04 -4.58
N SER A 77 -12.40 1.94 -4.85
CA SER A 77 -12.37 0.78 -3.94
C SER A 77 -10.92 0.35 -3.62
N VAL A 78 -10.73 -0.25 -2.45
CA VAL A 78 -9.42 -0.74 -2.05
C VAL A 78 -9.44 -2.24 -2.15
N TYR A 79 -8.56 -2.78 -2.99
CA TYR A 79 -8.58 -4.21 -3.23
C TYR A 79 -7.50 -4.96 -2.47
N LEU A 80 -7.92 -5.96 -1.70
CA LEU A 80 -7.06 -6.90 -0.98
C LEU A 80 -7.13 -8.30 -1.62
N LEU A 82 -6.29 -12.61 -1.03
CA LEU A 82 -5.74 -13.78 -0.36
C LEU A 82 -4.93 -14.68 -1.32
N THR A 83 -3.73 -14.98 -0.93
CA THR A 83 -2.75 -15.47 -1.81
C THR A 83 -2.04 -16.64 -1.13
N GLY A 84 -1.83 -17.70 -1.89
CA GLY A 84 -0.98 -18.80 -1.47
C GLY A 84 0.47 -18.55 -1.75
N ASN A 85 1.30 -19.20 -0.99
CA ASN A 85 2.68 -19.48 -1.30
C ASN A 85 3.13 -19.27 -2.70
N GLN A 86 2.45 -19.95 -3.60
CA GLN A 86 2.88 -20.02 -4.98
C GLN A 86 2.37 -18.86 -5.85
N ASP A 87 1.62 -17.97 -5.26
CA ASP A 87 1.16 -16.85 -5.99
C ASP A 87 1.90 -15.57 -5.65
N LEU A 88 2.89 -15.59 -4.76
CA LEU A 88 3.59 -14.38 -4.33
C LEU A 88 3.97 -13.42 -5.47
N THR A 89 4.57 -13.95 -6.52
CA THR A 89 5.13 -13.10 -7.56
C THR A 89 4.04 -12.29 -8.27
N THR A 90 2.93 -12.96 -8.51
CA THR A 90 1.78 -12.37 -9.16
C THR A 90 1.07 -11.35 -8.28
N ALA A 91 1.18 -11.54 -6.97
CA ALA A 91 0.62 -10.63 -5.98
C ALA A 91 1.49 -9.40 -5.82
N GLU A 93 3.59 -8.11 -8.22
CA GLU A 93 3.51 -7.28 -9.41
C GLU A 93 2.15 -6.58 -9.49
N ALA A 94 1.15 -7.18 -8.85
CA ALA A 94 -0.17 -6.59 -8.77
C ALA A 94 -0.14 -5.38 -7.81
N VAL A 95 0.49 -5.52 -6.64
CA VAL A 95 0.72 -4.39 -5.74
C VAL A 95 1.47 -3.26 -6.50
N ASN A 96 2.56 -3.60 -7.17
CA ASN A 96 3.41 -2.62 -7.87
C ASN A 96 2.74 -1.89 -9.06
N GLU A 97 1.77 -2.56 -9.67
CA GLU A 97 1.01 -1.93 -10.71
C GLU A 97 0.05 -0.94 -10.09
N GLY A 98 -0.13 -1.04 -8.79
CA GLY A 98 -1.06 -0.18 -8.05
C GLY A 98 -2.49 -0.70 -8.08
N GLN A 99 -2.62 -1.99 -8.36
CA GLN A 99 -3.93 -2.63 -8.38
C GLN A 99 -4.31 -3.17 -6.99
N VAL A 100 -3.34 -3.74 -6.29
CA VAL A 100 -3.58 -4.39 -5.01
C VAL A 100 -2.98 -3.59 -3.85
N PHE A 101 -3.83 -3.16 -2.94
CA PHE A 101 -3.40 -2.39 -1.78
C PHE A 101 -2.53 -3.27 -0.87
N ARG A 102 -2.96 -4.51 -0.69
CA ARG A 102 -2.41 -5.38 0.33
C ARG A 102 -2.75 -6.82 -0.06
N PHE A 103 -1.81 -7.72 0.11
CA PHE A 103 -2.14 -9.13 -0.06
C PHE A 103 -1.88 -9.89 1.25
N LEU A 104 -2.53 -11.02 1.41
CA LEU A 104 -2.40 -11.80 2.63
C LEU A 104 -2.07 -13.27 2.33
N ASN A 105 -0.96 -13.74 2.87
CA ASN A 105 -0.52 -15.11 2.67
C ASN A 105 -1.35 -16.11 3.48
N LYS A 106 -1.86 -17.15 2.84
CA LYS A 106 -2.59 -18.17 3.58
C LYS A 106 -1.65 -19.11 4.35
N PRO A 107 -2.21 -19.85 5.33
CA PRO A 107 -3.56 -19.58 5.85
C PRO A 107 -3.52 -18.25 6.60
N CYS A 108 -4.63 -17.55 6.70
CA CYS A 108 -4.56 -16.20 7.26
C CYS A 108 -5.21 -16.21 8.62
N GLN A 109 -4.56 -15.57 9.59
CA GLN A 109 -5.21 -15.34 10.89
C GLN A 109 -6.29 -14.28 10.75
N SER A 111 -7.17 -12.02 12.79
CA SER A 111 -6.49 -10.79 13.15
C SER A 111 -5.89 -10.04 12.00
N ASP A 112 -5.03 -10.72 11.25
CA ASP A 112 -4.41 -10.16 10.04
C ASP A 112 -5.45 -9.66 9.03
N ILE A 113 -6.54 -10.41 8.87
CA ILE A 113 -7.61 -10.09 7.92
C ILE A 113 -8.38 -8.84 8.31
N LYS A 114 -8.75 -8.77 9.57
CA LYS A 114 -9.46 -7.64 10.16
C LYS A 114 -8.58 -6.38 10.17
N ALA A 115 -7.28 -6.56 10.37
CA ALA A 115 -6.39 -5.41 10.31
C ALA A 115 -6.29 -4.90 8.85
N ALA A 116 -6.29 -5.81 7.87
CA ALA A 116 -6.21 -5.43 6.46
C ALA A 116 -7.45 -4.67 6.05
N ILE A 117 -8.61 -5.17 6.47
CA ILE A 117 -9.89 -4.55 6.17
C ILE A 117 -9.99 -3.14 6.77
N ASN A 118 -9.70 -3.02 8.07
CA ASN A 118 -9.65 -1.71 8.74
C ASN A 118 -8.67 -0.74 8.05
N ALA A 119 -7.54 -1.27 7.59
CA ALA A 119 -6.53 -0.44 6.93
C ALA A 119 -7.07 0.00 5.57
N GLY A 120 -7.78 -0.90 4.91
CA GLY A 120 -8.44 -0.60 3.65
C GLY A 120 -9.52 0.45 3.74
N ILE A 121 -10.33 0.39 4.78
CA ILE A 121 -11.40 1.33 5.02
C ILE A 121 -10.87 2.75 5.24
N LYS A 122 -9.76 2.86 5.89
CA LYS A 122 -9.07 4.08 6.16
C LYS A 122 -8.41 4.68 4.93
N GLN A 123 -7.88 3.81 4.11
CA GLN A 123 -7.38 4.13 2.84
C GLN A 123 -8.46 4.68 1.92
N TYR A 124 -9.63 4.06 1.96
CA TYR A 124 -10.76 4.43 1.11
C TYR A 124 -11.19 5.86 1.45
N ASP A 125 -11.20 6.14 2.76
CA ASP A 125 -11.53 7.44 3.28
C ASP A 125 -10.54 8.57 2.87
N LEU A 126 -9.24 8.31 2.92
CA LEU A 126 -8.24 9.18 2.33
C LEU A 126 -8.56 9.52 0.86
N VAL A 127 -8.80 8.48 0.06
CA VAL A 127 -9.02 8.62 -1.37
C VAL A 127 -10.26 9.46 -1.66
N THR A 128 -11.39 9.10 -1.09
CA THR A 128 -12.64 9.78 -1.44
C THR A 128 -12.77 11.13 -0.76
N SER A 129 -12.08 11.28 0.37
CA SER A 129 -12.00 12.58 1.03
C SER A 129 -11.24 13.53 0.15
N LYS A 130 -10.14 13.09 -0.43
CA LYS A 130 -9.37 13.96 -1.28
C LYS A 130 -10.18 14.28 -2.55
N GLU A 131 -10.84 13.26 -3.08
CA GLU A 131 -11.65 13.49 -4.26
C GLU A 131 -12.83 14.41 -3.96
N GLU A 132 -13.49 14.22 -2.82
CA GLU A 132 -14.68 15.01 -2.51
C GLU A 132 -14.29 16.47 -2.35
N LEU A 133 -13.01 16.73 -2.12
CA LEU A 133 -12.57 18.10 -1.91
C LEU A 133 -11.94 18.72 -3.14
N LEU A 134 -11.55 17.91 -4.11
CA LEU A 134 -11.23 18.41 -5.44
C LEU A 134 -12.53 18.74 -6.17
N LYS A 135 -13.53 17.89 -5.97
CA LYS A 135 -14.81 17.93 -6.66
C LYS A 135 -15.59 19.21 -6.35
N LYS A 136 -15.41 19.75 -5.15
CA LYS A 136 -16.03 21.01 -4.75
C LYS A 136 -15.09 22.24 -4.75
N THR A 137 -13.78 22.04 -4.83
CA THR A 137 -12.85 23.15 -4.61
C THR A 137 -11.38 22.79 -4.87
N LEU B 3 3.01 20.27 -3.87
CA LEU B 3 3.33 18.84 -3.99
C LEU B 3 4.72 18.49 -3.43
N ASN B 4 4.77 17.78 -2.31
CA ASN B 4 6.06 17.39 -1.71
C ASN B 4 6.84 16.38 -2.59
N GLU B 5 7.93 16.82 -3.21
CA GLU B 5 8.73 15.87 -4.00
C GLU B 5 10.15 15.66 -3.47
N ARG B 6 10.29 15.71 -2.15
CA ARG B 6 11.57 15.50 -1.50
C ARG B 6 11.67 14.04 -1.09
N ILE B 7 12.70 13.36 -1.56
CA ILE B 7 12.80 11.95 -1.30
C ILE B 7 14.13 11.59 -0.69
N LEU B 8 14.12 10.52 0.09
CA LEU B 8 15.31 10.12 0.81
C LEU B 8 15.66 8.70 0.44
N LEU B 9 16.89 8.52 -0.03
CA LEU B 9 17.40 7.21 -0.41
C LEU B 9 18.45 6.77 0.59
N VAL B 10 18.28 5.55 1.09
CA VAL B 10 19.16 5.01 2.10
C VAL B 10 19.71 3.66 1.65
N ASP B 11 21.00 3.64 1.40
CA ASP B 11 21.66 2.44 1.01
C ASP B 11 23.13 2.55 1.37
N ASP B 12 23.62 1.41 1.80
CA ASP B 12 25.00 1.06 2.03
C ASP B 12 26.00 1.42 0.89
N ASP B 13 25.61 1.16 -0.36
CA ASP B 13 26.51 1.16 -1.49
C ASP B 13 26.46 2.47 -2.29
N TYR B 14 27.53 3.25 -2.28
CA TYR B 14 27.56 4.59 -2.89
C TYR B 14 27.43 4.52 -4.42
N SER B 15 27.97 3.46 -5.01
CA SER B 15 27.82 3.24 -6.44
C SER B 15 26.34 3.23 -6.88
N LEU B 16 25.48 2.57 -6.11
CA LEU B 16 24.04 2.52 -6.37
C LEU B 16 23.31 3.82 -5.98
N LEU B 17 23.72 4.42 -4.89
CA LEU B 17 23.24 5.76 -4.57
C LEU B 17 23.48 6.82 -5.69
N ASN B 18 24.69 6.89 -6.22
CA ASN B 18 25.02 7.80 -7.30
C ASN B 18 24.18 7.55 -8.55
N THR B 19 23.92 6.29 -8.87
CA THR B 19 23.21 5.98 -10.10
C THR B 19 21.77 6.41 -9.97
N LEU B 20 21.16 6.07 -8.83
CA LEU B 20 19.82 6.51 -8.51
C LEU B 20 19.67 8.02 -8.35
N LYS B 21 20.59 8.68 -7.65
CA LYS B 21 20.45 10.13 -7.52
C LYS B 21 20.57 10.84 -8.88
N ARG B 22 21.38 10.29 -9.76
CA ARG B 22 21.59 10.89 -11.08
C ARG B 22 20.32 10.83 -11.88
N ASN B 23 19.69 9.67 -11.87
CA ASN B 23 18.49 9.51 -12.69
C ASN B 23 17.28 10.17 -12.06
N LEU B 24 17.15 10.07 -10.74
CA LEU B 24 15.96 10.55 -10.06
C LEU B 24 15.91 12.06 -9.89
N SER B 25 17.09 12.69 -9.92
CA SER B 25 17.21 14.15 -9.76
C SER B 25 16.61 14.94 -10.90
N PHE B 26 16.37 14.30 -12.03
CA PHE B 26 15.73 15.01 -13.12
C PHE B 26 14.26 15.27 -12.72
N ASP B 27 13.67 14.35 -11.95
CA ASP B 27 12.25 14.42 -11.56
C ASP B 27 12.02 14.82 -10.10
N PHE B 28 12.97 14.55 -9.22
CA PHE B 28 12.75 14.71 -7.78
C PHE B 28 13.88 15.45 -7.09
N GLU B 29 13.61 15.95 -5.89
CA GLU B 29 14.63 16.51 -5.04
C GLU B 29 15.19 15.37 -4.16
N VAL B 30 16.39 14.92 -4.47
CA VAL B 30 16.91 13.69 -3.87
C VAL B 30 18.00 13.94 -2.83
N THR B 31 17.86 13.32 -1.66
CA THR B 31 18.89 13.24 -0.66
C THR B 31 19.32 11.77 -0.46
N THR B 32 20.62 11.56 -0.24
CA THR B 32 21.23 10.24 -0.03
C THR B 32 21.91 10.14 1.36
N CYS B 33 21.78 8.96 1.97
CA CYS B 33 22.40 8.57 3.23
C CYS B 33 22.96 7.16 3.10
N GLU B 34 24.10 6.91 3.71
CA GLU B 34 24.75 5.59 3.58
C GLU B 34 24.34 4.57 4.68
N SER B 35 23.50 4.98 5.62
CA SER B 35 23.20 4.07 6.71
C SER B 35 21.93 4.44 7.48
N GLY B 36 21.49 3.51 8.34
CA GLY B 36 20.37 3.72 9.25
C GLY B 36 20.44 4.92 10.19
N PRO B 37 21.46 4.97 11.05
CA PRO B 37 21.74 6.13 11.94
C PRO B 37 21.91 7.45 11.16
N GLU B 38 22.57 7.39 10.01
CA GLU B 38 22.68 8.54 9.15
C GLU B 38 21.27 8.98 8.62
N ALA B 39 20.43 8.01 8.25
CA ALA B 39 19.06 8.31 7.84
C ALA B 39 18.22 8.91 8.97
N LEU B 40 18.28 8.29 10.16
CA LEU B 40 17.58 8.82 11.32
C LEU B 40 17.99 10.24 11.71
N ALA B 41 19.29 10.55 11.66
CA ALA B 41 19.74 11.94 11.85
C ALA B 41 19.17 12.85 10.77
N CYS B 42 19.22 12.41 9.53
CA CYS B 42 18.78 13.27 8.47
C CYS B 42 17.30 13.58 8.57
N ILE B 43 16.51 12.60 9.01
CA ILE B 43 15.07 12.78 9.17
C ILE B 43 14.73 13.70 10.35
N LYS B 44 15.43 13.60 11.49
CA LYS B 44 15.16 14.53 12.62
C LYS B 44 15.34 16.00 12.21
N LYS B 45 16.40 16.29 11.49
CA LYS B 45 16.74 17.68 11.24
C LYS B 45 16.15 18.27 9.95
N SER B 46 15.61 17.45 9.05
CA SER B 46 15.16 17.99 7.78
C SER B 46 13.68 18.26 7.78
N ASP B 47 13.22 19.00 6.79
CA ASP B 47 11.82 19.04 6.40
C ASP B 47 11.38 17.63 6.00
N PRO B 48 10.10 17.35 6.14
CA PRO B 48 9.55 16.00 5.92
C PRO B 48 9.81 15.53 4.49
N PHE B 49 10.24 14.29 4.36
CA PHE B 49 10.35 13.64 3.09
C PHE B 49 9.02 12.97 2.79
N SER B 50 8.56 13.09 1.56
CA SER B 50 7.34 12.41 1.18
C SER B 50 7.61 10.93 1.04
N VAL B 51 8.79 10.59 0.52
CA VAL B 51 9.13 9.18 0.28
C VAL B 51 10.54 8.85 0.77
N ILE B 52 10.64 7.74 1.48
CA ILE B 52 11.88 7.25 2.02
C ILE B 52 12.16 5.83 1.57
N VAL B 54 14.62 2.47 1.60
CA VAL B 54 15.66 1.82 2.39
C VAL B 54 16.06 0.44 1.87
N ASP B 55 17.35 0.23 1.77
CA ASP B 55 17.89 -1.07 1.43
C ASP B 55 17.66 -2.06 2.60
N ARG B 57 19.49 -5.07 3.38
CA ARG B 57 20.75 -5.49 3.97
C ARG B 57 21.71 -4.33 4.04
N PRO B 59 24.99 -3.16 6.96
CA PRO B 59 25.72 -3.48 8.19
C PRO B 59 25.17 -2.67 9.38
N GLY B 60 25.12 -3.30 10.55
CA GLY B 60 24.73 -2.62 11.79
C GLY B 60 23.25 -2.43 12.11
N GLU B 62 19.45 -2.84 9.90
CA GLU B 62 18.82 -3.26 8.67
C GLU B 62 17.62 -2.42 8.32
N GLY B 63 17.24 -2.45 7.04
CA GLY B 63 16.13 -1.66 6.53
C GLY B 63 14.86 -1.73 7.36
N THR B 64 14.48 -2.92 7.79
CA THR B 64 13.23 -2.98 8.51
C THR B 64 13.26 -2.14 9.81
N GLU B 65 14.33 -2.27 10.60
CA GLU B 65 14.46 -1.50 11.85
C GLU B 65 14.48 0.00 11.54
N VAL B 66 15.15 0.37 10.45
CA VAL B 66 15.23 1.78 10.05
C VAL B 66 13.84 2.33 9.78
N ILE B 67 13.02 1.57 9.06
CA ILE B 67 11.67 2.03 8.76
C ILE B 67 10.83 2.19 10.02
N GLN B 68 10.84 1.20 10.90
CA GLN B 68 10.06 1.33 12.12
C GLN B 68 10.58 2.40 13.10
N LYS B 69 11.87 2.69 13.09
CA LYS B 69 12.36 3.85 13.85
C LYS B 69 11.98 5.18 13.21
N ALA B 70 12.06 5.23 11.88
CA ALA B 70 11.67 6.41 11.11
C ALA B 70 10.16 6.73 11.19
N ARG B 71 9.32 5.71 11.19
CA ARG B 71 7.87 5.90 11.43
C ARG B 71 7.49 6.67 12.71
N LEU B 72 8.29 6.56 13.78
CA LEU B 72 8.04 7.36 15.00
C LEU B 72 8.50 8.82 14.91
N ILE B 73 9.54 9.10 14.12
CA ILE B 73 9.95 10.48 13.83
C ILE B 73 9.15 11.18 12.69
N SER B 74 8.84 10.43 11.63
CA SER B 74 8.17 10.97 10.42
C SER B 74 7.00 10.05 10.02
N PRO B 75 5.85 10.14 10.71
CA PRO B 75 4.69 9.21 10.54
C PRO B 75 3.97 9.27 9.18
N ASN B 76 3.93 10.44 8.55
CA ASN B 76 3.21 10.55 7.29
C ASN B 76 4.02 10.03 6.12
N SER B 77 5.35 9.96 6.28
CA SER B 77 6.23 9.57 5.19
C SER B 77 5.75 8.22 4.65
N VAL B 78 5.97 8.00 3.36
CA VAL B 78 5.70 6.74 2.71
C VAL B 78 7.02 6.01 2.52
N TYR B 79 7.07 4.77 3.00
CA TYR B 79 8.32 4.01 3.07
C TYR B 79 8.34 2.92 2.02
N LEU B 80 9.42 2.89 1.24
CA LEU B 80 9.61 1.92 0.18
C LEU B 80 10.79 1.07 0.58
N LEU B 82 13.83 -1.56 -0.59
CA LEU B 82 14.63 -2.24 -1.60
C LEU B 82 15.22 -3.52 -1.01
N THR B 83 14.85 -4.67 -1.57
CA THR B 83 15.36 -5.98 -1.20
C THR B 83 15.68 -6.94 -2.38
N GLY B 84 16.69 -7.77 -2.23
CA GLY B 84 16.92 -8.91 -3.08
C GLY B 84 15.83 -9.90 -2.87
N ASN B 85 15.41 -10.61 -3.89
CA ASN B 85 14.24 -11.44 -3.73
C ASN B 85 14.47 -12.59 -2.77
N GLN B 86 15.73 -12.78 -2.48
CA GLN B 86 16.21 -13.72 -1.55
C GLN B 86 15.93 -13.32 -0.07
N ASP B 87 15.92 -12.03 0.22
CA ASP B 87 15.62 -11.49 1.54
C ASP B 87 14.22 -11.06 1.72
N LEU B 88 13.34 -11.36 0.79
CA LEU B 88 12.02 -10.76 0.76
C LEU B 88 11.01 -11.21 1.78
N THR B 89 10.83 -12.49 1.91
CA THR B 89 9.93 -13.02 2.93
C THR B 89 10.46 -12.79 4.34
N THR B 90 11.78 -12.73 4.50
CA THR B 90 12.38 -12.30 5.77
C THR B 90 11.93 -10.88 6.13
N ALA B 91 11.85 -10.01 5.14
CA ALA B 91 11.47 -8.63 5.36
C ALA B 91 9.98 -8.54 5.61
N GLU B 93 7.99 -11.01 7.00
CA GLU B 93 7.75 -11.57 8.34
C GLU B 93 8.17 -10.55 9.41
N ALA B 94 9.25 -9.83 9.13
CA ALA B 94 9.77 -8.81 10.03
C ALA B 94 9.02 -7.46 10.00
N VAL B 95 8.35 -7.12 8.89
CA VAL B 95 7.47 -5.94 8.91
C VAL B 95 6.04 -6.27 9.34
N ASN B 96 5.47 -5.33 10.09
CA ASN B 96 4.07 -5.41 10.45
C ASN B 96 3.24 -4.49 9.54
N GLU B 97 2.00 -4.89 9.34
CA GLU B 97 1.19 -4.27 8.33
C GLU B 97 1.22 -2.73 8.47
N GLY B 98 1.29 -2.03 7.32
CA GLY B 98 1.22 -0.58 7.28
C GLY B 98 2.57 0.12 7.24
N GLN B 99 3.63 -0.61 7.57
CA GLN B 99 4.93 0.04 7.68
C GLN B 99 5.60 0.20 6.34
N VAL B 100 5.56 -0.81 5.48
CA VAL B 100 6.10 -0.70 4.15
C VAL B 100 4.99 -0.59 3.10
N PHE B 101 5.05 0.47 2.30
CA PHE B 101 4.06 0.77 1.26
C PHE B 101 4.28 -0.09 0.02
N ARG B 102 5.56 -0.29 -0.33
CA ARG B 102 5.95 -1.02 -1.54
C ARG B 102 7.35 -1.64 -1.38
N PHE B 103 7.49 -2.92 -1.67
CA PHE B 103 8.81 -3.53 -1.80
C PHE B 103 9.25 -3.46 -3.23
N LEU B 104 10.55 -3.29 -3.42
CA LEU B 104 11.16 -3.38 -4.72
C LEU B 104 12.29 -4.39 -4.74
N ASN B 105 12.35 -5.13 -5.84
CA ASN B 105 13.38 -6.12 -6.06
C ASN B 105 14.72 -5.52 -6.49
N LYS B 106 15.83 -6.04 -5.97
CA LYS B 106 17.15 -5.73 -6.53
C LYS B 106 17.61 -6.91 -7.36
N PRO B 107 18.22 -6.65 -8.54
CA PRO B 107 18.34 -5.31 -9.11
C PRO B 107 16.99 -4.87 -9.66
N CYS B 108 16.78 -3.58 -9.82
CA CYS B 108 15.44 -3.12 -10.22
C CYS B 108 15.45 -2.19 -11.40
N GLN B 109 14.57 -2.43 -12.37
CA GLN B 109 14.43 -1.49 -13.49
C GLN B 109 14.11 -0.07 -12.97
N SER B 111 12.40 2.10 -14.15
CA SER B 111 11.01 2.55 -14.31
C SER B 111 10.07 2.00 -13.24
N ASP B 112 10.37 0.82 -12.70
CA ASP B 112 9.67 0.33 -11.50
C ASP B 112 9.93 1.25 -10.30
N ILE B 113 11.16 1.71 -10.19
CA ILE B 113 11.58 2.68 -9.17
C ILE B 113 10.85 4.04 -9.26
N LYS B 114 10.91 4.72 -10.41
CA LYS B 114 10.13 5.94 -10.66
C LYS B 114 8.63 5.72 -10.42
N ALA B 115 8.11 4.55 -10.76
CA ALA B 115 6.67 4.33 -10.59
C ALA B 115 6.27 4.20 -9.10
N ALA B 116 7.12 3.51 -8.34
CA ALA B 116 6.94 3.35 -6.92
C ALA B 116 6.98 4.70 -6.22
N ILE B 117 7.97 5.53 -6.58
CA ILE B 117 8.18 6.85 -6.01
C ILE B 117 7.05 7.83 -6.32
N ASN B 118 6.72 7.99 -7.60
CA ASN B 118 5.47 8.70 -7.94
C ASN B 118 4.22 8.24 -7.12
N ALA B 119 4.07 6.94 -6.92
CA ALA B 119 2.91 6.39 -6.21
C ALA B 119 2.98 6.75 -4.74
N GLY B 120 4.20 6.77 -4.18
CA GLY B 120 4.45 7.21 -2.82
C GLY B 120 4.06 8.68 -2.63
N ILE B 121 4.46 9.53 -3.59
CA ILE B 121 4.24 10.98 -3.55
C ILE B 121 2.74 11.27 -3.53
N LYS B 122 2.00 10.62 -4.43
CA LYS B 122 0.55 10.69 -4.45
C LYS B 122 -0.08 10.15 -3.15
N GLN B 123 0.51 9.09 -2.60
CA GLN B 123 0.04 8.57 -1.33
C GLN B 123 0.27 9.59 -0.20
N TYR B 124 1.49 10.16 -0.15
CA TYR B 124 1.84 11.19 0.79
C TYR B 124 0.88 12.39 0.71
N ASP B 125 0.49 12.74 -0.51
CA ASP B 125 -0.46 13.82 -0.67
C ASP B 125 -1.86 13.52 -0.10
N LEU B 126 -2.34 12.29 -0.28
CA LEU B 126 -3.62 11.84 0.32
C LEU B 126 -3.58 11.93 1.88
N VAL B 127 -2.54 11.35 2.48
CA VAL B 127 -2.36 11.32 3.94
C VAL B 127 -2.37 12.74 4.52
N THR B 128 -1.52 13.63 3.99
CA THR B 128 -1.35 14.95 4.57
C THR B 128 -2.50 15.90 4.23
N SER B 129 -3.17 15.63 3.12
CA SER B 129 -4.37 16.37 2.81
C SER B 129 -5.48 16.09 3.83
N LYS B 130 -5.64 14.82 4.21
CA LYS B 130 -6.65 14.46 5.19
C LYS B 130 -6.31 15.07 6.54
N GLU B 131 -5.03 15.03 6.90
CA GLU B 131 -4.55 15.54 8.18
C GLU B 131 -4.76 17.05 8.33
N GLU B 132 -4.67 17.81 7.24
CA GLU B 132 -4.94 19.24 7.36
C GLU B 132 -6.44 19.56 7.49
N LEU B 133 -7.27 18.74 6.90
CA LEU B 133 -8.69 18.87 6.98
C LEU B 133 -9.12 18.68 8.38
N LEU B 134 -8.38 17.90 9.10
CA LEU B 134 -8.74 17.57 10.43
C LEU B 134 -8.19 18.56 11.41
N LYS B 135 -7.29 19.41 10.99
CA LYS B 135 -6.74 20.35 11.90
C LYS B 135 -6.88 21.85 11.59
N LYS B 136 -6.91 22.21 10.32
CA LYS B 136 -7.00 23.58 9.94
C LYS B 136 -8.34 24.20 10.20
N THR B 137 -8.28 25.41 10.70
CA THR B 137 -9.41 26.17 11.16
C THR B 137 -10.07 26.89 9.98
N PHE B 138 -9.27 27.34 9.04
CA PHE B 138 -9.78 28.11 7.91
C PHE B 138 -9.61 27.31 6.63
N ALA B 139 -10.70 27.19 5.86
CA ALA B 139 -10.68 26.39 4.65
C ALA B 139 -10.12 27.16 3.46
#